data_1OFT
#
_entry.id   1OFT
#
_cell.length_a   80.400
_cell.length_b   92.600
_cell.length_c   94.300
_cell.angle_alpha   90.00
_cell.angle_beta   90.00
_cell.angle_gamma   90.00
#
_symmetry.space_group_name_H-M   'P 21 21 21'
#
_entity_poly.entity_id   1
_entity_poly.type   'polypeptide(L)'
_entity_poly.pdbx_seq_one_letter_code
;MQTSHSLPSAQLPLFQEAFWASNGAPLLDDVIDSPSSASIEEPAAFSELSLSGLPGHCLTLLAPILRELSEEQDARWLTL
IAPPASLTHEWLRRAGLNRERILLLQAKDNAAALALSCEALRLGRSHTVVSWLEPLSRAARKQLSRAAQLGQAQSLNIRL
G
;
_entity_poly.pdbx_strand_id   A,B,C,D
#
# COMPACT_ATOMS: atom_id res chain seq x y z
N PRO A 43 21.03 -24.01 10.68
CA PRO A 43 20.48 -24.89 11.73
C PRO A 43 18.96 -25.03 11.68
N ALA A 44 18.36 -25.49 12.77
CA ALA A 44 16.92 -25.68 12.84
C ALA A 44 16.26 -24.52 13.58
N ALA A 45 14.97 -24.27 13.27
CA ALA A 45 14.23 -23.17 13.89
C ALA A 45 14.92 -21.82 13.67
N PHE A 46 15.81 -21.76 12.70
CA PHE A 46 16.51 -20.53 12.38
C PHE A 46 16.53 -20.26 10.87
N SER A 47 16.43 -19.00 10.52
CA SER A 47 16.47 -18.58 9.12
C SER A 47 16.87 -17.11 9.07
N GLU A 48 17.52 -16.73 7.98
CA GLU A 48 17.97 -15.36 7.86
C GLU A 48 17.45 -14.77 6.56
N LEU A 49 17.00 -13.53 6.64
CA LEU A 49 16.47 -12.81 5.49
C LEU A 49 17.37 -11.59 5.29
N SER A 50 17.92 -11.46 4.09
CA SER A 50 18.80 -10.33 3.80
C SER A 50 18.16 -9.45 2.74
N LEU A 51 18.19 -8.15 2.98
CA LEU A 51 17.61 -7.21 2.03
C LEU A 51 18.59 -6.12 1.65
N SER A 52 18.85 -5.99 0.36
CA SER A 52 19.75 -4.96 -0.12
C SER A 52 19.08 -4.14 -1.21
N GLY A 53 19.29 -2.84 -1.19
CA GLY A 53 18.71 -1.95 -2.16
C GLY A 53 18.33 -0.72 -1.38
N LEU A 54 17.65 0.23 -2.02
CA LEU A 54 17.23 1.45 -1.33
C LEU A 54 16.73 1.12 0.08
N PRO A 55 17.24 1.81 1.10
CA PRO A 55 16.78 1.52 2.46
C PRO A 55 15.25 1.56 2.55
N GLY A 56 14.64 2.46 1.79
CA GLY A 56 13.20 2.58 1.79
C GLY A 56 12.53 1.38 1.17
N HIS A 57 12.93 1.04 -0.05
CA HIS A 57 12.34 -0.09 -0.72
C HIS A 57 12.56 -1.42 0.01
N CYS A 58 13.54 -1.50 0.88
CA CYS A 58 13.79 -2.73 1.64
C CYS A 58 12.73 -2.86 2.73
N LEU A 59 12.35 -1.74 3.32
CA LEU A 59 11.33 -1.75 4.36
C LEU A 59 10.01 -2.19 3.74
N THR A 60 9.78 -1.74 2.52
CA THR A 60 8.59 -2.10 1.78
C THR A 60 8.49 -3.60 1.60
N LEU A 61 9.59 -4.22 1.19
CA LEU A 61 9.66 -5.65 0.98
C LEU A 61 9.53 -6.38 2.28
N LEU A 62 9.82 -5.72 3.39
CA LEU A 62 9.75 -6.35 4.70
C LEU A 62 8.32 -6.37 5.27
N ALA A 63 7.60 -5.25 5.09
CA ALA A 63 6.23 -5.14 5.59
C ALA A 63 5.41 -6.40 5.39
N PRO A 64 5.15 -6.77 4.13
CA PRO A 64 4.37 -7.99 3.96
C PRO A 64 4.78 -9.15 4.85
N ILE A 65 6.07 -9.40 5.04
CA ILE A 65 6.49 -10.52 5.86
C ILE A 65 6.12 -10.31 7.33
N LEU A 66 6.40 -9.13 7.87
CA LEU A 66 6.05 -8.88 9.26
C LEU A 66 4.55 -8.94 9.39
N ARG A 67 3.82 -8.34 8.45
CA ARG A 67 2.36 -8.36 8.51
C ARG A 67 1.80 -9.79 8.54
N GLU A 68 2.16 -10.66 7.60
CA GLU A 68 1.65 -12.02 7.63
C GLU A 68 1.87 -12.59 9.03
N LEU A 69 3.08 -12.47 9.52
CA LEU A 69 3.42 -12.99 10.85
C LEU A 69 2.59 -12.38 11.99
N SER A 70 2.29 -11.09 11.91
CA SER A 70 1.55 -10.46 12.98
C SER A 70 0.12 -10.94 13.05
N GLU A 71 -0.58 -10.88 11.93
CA GLU A 71 -1.97 -11.32 11.89
C GLU A 71 -2.01 -12.81 11.64
N GLU A 72 -1.21 -13.57 12.39
CA GLU A 72 -1.23 -15.00 12.19
C GLU A 72 -2.30 -15.72 12.99
N GLN A 73 -2.15 -17.03 13.11
CA GLN A 73 -3.09 -17.88 13.81
C GLN A 73 -2.58 -18.03 15.23
N ASP A 74 -1.41 -18.66 15.37
CA ASP A 74 -0.74 -18.88 16.65
C ASP A 74 -1.02 -17.69 17.57
N ALA A 75 -1.88 -17.87 18.56
CA ALA A 75 -2.24 -16.80 19.48
C ALA A 75 -1.05 -16.10 20.11
N ARG A 76 0.10 -16.75 20.09
CA ARG A 76 1.30 -16.21 20.69
C ARG A 76 1.81 -14.89 20.09
N TRP A 77 2.77 -14.27 20.76
CA TRP A 77 3.34 -13.01 20.28
C TRP A 77 4.31 -13.22 19.14
N LEU A 78 4.47 -12.15 18.39
CA LEU A 78 5.44 -12.05 17.30
C LEU A 78 6.25 -10.91 17.90
N THR A 79 7.42 -11.20 18.44
CA THR A 79 8.19 -10.13 19.04
C THR A 79 9.38 -9.70 18.19
N LEU A 80 9.53 -8.38 18.10
CA LEU A 80 10.62 -7.75 17.35
C LEU A 80 11.65 -7.27 18.36
N ILE A 81 12.92 -7.59 18.12
CA ILE A 81 13.99 -7.23 19.04
C ILE A 81 15.09 -6.33 18.50
N ALA A 82 15.14 -5.12 19.02
CA ALA A 82 16.15 -4.15 18.62
C ALA A 82 16.02 -3.83 17.14
N PRO A 83 14.80 -3.57 16.67
CA PRO A 83 14.62 -3.25 15.25
C PRO A 83 15.25 -1.90 14.95
N PRO A 84 15.71 -1.68 13.72
CA PRO A 84 16.32 -0.41 13.35
C PRO A 84 15.39 0.79 13.56
N ALA A 85 15.96 1.99 13.56
CA ALA A 85 15.18 3.21 13.76
C ALA A 85 14.04 3.31 12.76
N SER A 86 14.31 2.90 11.53
CA SER A 86 13.30 2.94 10.48
C SER A 86 11.92 2.54 10.99
N LEU A 87 11.83 1.37 11.62
CA LEU A 87 10.56 0.90 12.13
C LEU A 87 9.94 1.83 13.16
N THR A 88 9.42 2.94 12.65
CA THR A 88 8.77 3.97 13.47
C THR A 88 7.45 3.47 14.02
N HIS A 89 6.97 4.16 15.03
CA HIS A 89 5.69 3.83 15.63
C HIS A 89 4.68 3.95 14.48
N GLU A 90 4.90 4.96 13.63
CA GLU A 90 4.03 5.20 12.49
C GLU A 90 4.23 4.14 11.41
N TRP A 91 5.48 3.82 11.09
CA TRP A 91 5.76 2.83 10.07
C TRP A 91 4.99 1.54 10.28
N LEU A 92 4.95 1.10 11.53
CA LEU A 92 4.24 -0.12 11.86
C LEU A 92 2.77 -0.06 11.56
N ARG A 93 2.08 1.00 11.99
CA ARG A 93 0.64 1.04 11.69
C ARG A 93 0.41 1.30 10.22
N ARG A 94 1.29 2.07 9.59
CA ARG A 94 1.11 2.36 8.18
C ARG A 94 1.34 1.10 7.37
N ALA A 95 2.18 0.21 7.87
CA ALA A 95 2.46 -1.02 7.17
C ALA A 95 1.38 -2.06 7.45
N GLY A 96 0.26 -1.62 8.00
CA GLY A 96 -0.83 -2.53 8.27
C GLY A 96 -0.60 -3.67 9.26
N LEU A 97 0.41 -3.56 10.11
CA LEU A 97 0.64 -4.61 11.08
C LEU A 97 -0.48 -4.66 12.10
N ASN A 98 -0.49 -5.73 12.89
CA ASN A 98 -1.48 -5.90 13.93
C ASN A 98 -0.74 -5.65 15.24
N ARG A 99 -0.70 -4.39 15.67
CA ARG A 99 0.02 -4.05 16.89
C ARG A 99 -0.51 -4.70 18.17
N GLU A 100 -1.64 -5.37 18.06
CA GLU A 100 -2.22 -6.02 19.21
C GLU A 100 -1.64 -7.40 19.39
N ARG A 101 -0.58 -7.70 18.66
CA ARG A 101 0.05 -9.02 18.77
C ARG A 101 1.54 -8.93 18.56
N ILE A 102 2.09 -7.74 18.80
CA ILE A 102 3.51 -7.53 18.61
C ILE A 102 4.20 -6.98 19.85
N LEU A 103 5.37 -7.53 20.19
CA LEU A 103 6.12 -7.02 21.32
C LEU A 103 7.35 -6.41 20.70
N LEU A 104 7.55 -5.12 20.90
CA LEU A 104 8.73 -4.50 20.33
C LEU A 104 9.65 -4.13 21.46
N LEU A 105 10.62 -5.01 21.73
CA LEU A 105 11.56 -4.77 22.81
C LEU A 105 12.78 -4.03 22.29
N GLN A 106 13.40 -3.24 23.15
CA GLN A 106 14.57 -2.48 22.75
C GLN A 106 15.83 -3.01 23.44
N ALA A 107 16.96 -2.93 22.73
CA ALA A 107 18.24 -3.40 23.24
C ALA A 107 19.31 -2.38 22.87
N LYS A 108 20.34 -2.27 23.72
CA LYS A 108 21.40 -1.29 23.48
C LYS A 108 22.61 -1.87 22.76
N ASP A 109 22.89 -3.13 23.05
CA ASP A 109 24.05 -3.80 22.46
C ASP A 109 23.69 -4.88 21.46
N ASN A 110 24.42 -4.92 20.36
CA ASN A 110 24.20 -5.93 19.35
C ASN A 110 24.46 -7.28 20.02
N ALA A 111 24.81 -7.24 21.30
CA ALA A 111 25.07 -8.44 22.07
C ALA A 111 23.90 -8.62 23.01
N ALA A 112 23.39 -7.50 23.50
CA ALA A 112 22.25 -7.52 24.41
C ALA A 112 21.05 -8.01 23.61
N ALA A 113 21.04 -7.67 22.32
CA ALA A 113 19.97 -8.07 21.43
C ALA A 113 20.01 -9.58 21.28
N LEU A 114 21.20 -10.13 21.09
CA LEU A 114 21.30 -11.57 20.95
C LEU A 114 20.85 -12.25 22.24
N ALA A 115 20.94 -11.53 23.34
CA ALA A 115 20.52 -12.08 24.63
C ALA A 115 19.02 -12.07 24.75
N LEU A 116 18.39 -10.91 24.54
CA LEU A 116 16.94 -10.77 24.60
C LEU A 116 16.29 -11.75 23.64
N SER A 117 16.83 -11.81 22.43
CA SER A 117 16.30 -12.70 21.41
C SER A 117 16.25 -14.13 21.89
N CYS A 118 17.28 -14.56 22.62
CA CYS A 118 17.28 -15.92 23.13
C CYS A 118 16.28 -16.11 24.27
N GLU A 119 16.15 -15.13 25.16
CA GLU A 119 15.18 -15.24 26.25
C GLU A 119 13.82 -15.33 25.62
N ALA A 120 13.49 -14.33 24.79
CA ALA A 120 12.22 -14.28 24.13
C ALA A 120 11.83 -15.64 23.55
N LEU A 121 12.72 -16.22 22.75
CA LEU A 121 12.47 -17.53 22.15
C LEU A 121 12.26 -18.62 23.19
N ARG A 122 13.21 -18.70 24.11
CA ARG A 122 13.18 -19.68 25.18
C ARG A 122 11.83 -19.84 25.90
N LEU A 123 11.21 -18.77 26.40
CA LEU A 123 9.93 -18.97 27.10
C LEU A 123 8.79 -19.23 26.14
N GLY A 124 9.17 -19.52 24.90
CA GLY A 124 8.22 -19.84 23.85
C GLY A 124 6.83 -19.25 23.97
N ARG A 125 6.75 -17.95 24.20
CA ARG A 125 5.47 -17.28 24.30
C ARG A 125 5.30 -16.46 23.05
N SER A 126 6.29 -16.60 22.17
CA SER A 126 6.28 -15.91 20.90
C SER A 126 6.45 -16.99 19.84
N HIS A 127 5.64 -16.94 18.79
CA HIS A 127 5.78 -17.94 17.73
C HIS A 127 6.99 -17.60 16.88
N THR A 128 7.31 -16.32 16.81
CA THR A 128 8.45 -15.85 16.04
C THR A 128 9.13 -14.72 16.78
N VAL A 129 10.47 -14.70 16.77
CA VAL A 129 11.23 -13.62 17.40
C VAL A 129 12.17 -13.13 16.33
N VAL A 130 11.94 -11.89 15.87
CA VAL A 130 12.74 -11.32 14.80
C VAL A 130 13.95 -10.50 15.27
N SER A 131 15.13 -10.92 14.85
CA SER A 131 16.38 -10.27 15.23
C SER A 131 16.90 -9.46 14.06
N TRP A 132 17.72 -8.46 14.38
CA TRP A 132 18.33 -7.61 13.38
C TRP A 132 19.80 -7.56 13.78
N LEU A 133 20.38 -8.75 13.89
CA LEU A 133 21.76 -8.90 14.30
C LEU A 133 22.77 -9.11 13.20
N GLU A 134 23.80 -8.29 13.22
CA GLU A 134 24.91 -8.39 12.29
C GLU A 134 26.11 -7.70 12.93
N PRO A 135 27.26 -8.39 12.97
CA PRO A 135 27.44 -9.75 12.45
C PRO A 135 26.75 -10.79 13.34
N LEU A 136 26.71 -12.04 12.86
CA LEU A 136 26.09 -13.11 13.64
C LEU A 136 26.92 -14.37 13.46
N SER A 137 27.72 -14.69 14.46
CA SER A 137 28.59 -15.87 14.45
C SER A 137 27.82 -17.15 14.24
N ARG A 138 28.50 -18.20 13.80
CA ARG A 138 27.84 -19.48 13.58
C ARG A 138 27.43 -19.96 14.98
N ALA A 139 28.08 -19.39 15.98
CA ALA A 139 27.79 -19.74 17.36
C ALA A 139 26.45 -19.11 17.71
N ALA A 140 26.40 -17.79 17.62
CA ALA A 140 25.20 -17.03 17.92
C ALA A 140 23.98 -17.73 17.33
N ARG A 141 24.08 -18.18 16.09
CA ARG A 141 22.97 -18.85 15.44
C ARG A 141 22.57 -20.07 16.24
N LYS A 142 23.51 -20.96 16.48
CA LYS A 142 23.19 -22.14 17.26
C LYS A 142 22.48 -21.73 18.55
N GLN A 143 22.90 -20.63 19.18
CA GLN A 143 22.23 -20.18 20.41
C GLN A 143 20.75 -19.88 20.14
N LEU A 144 20.50 -19.13 19.07
CA LEU A 144 19.12 -18.78 18.69
C LEU A 144 18.39 -20.06 18.36
N SER A 145 19.00 -20.92 17.56
CA SER A 145 18.36 -22.17 17.20
C SER A 145 17.88 -22.99 18.41
N ARG A 146 18.74 -23.18 19.41
CA ARG A 146 18.34 -23.94 20.59
C ARG A 146 17.25 -23.20 21.35
N ALA A 147 17.42 -21.90 21.52
CA ALA A 147 16.43 -21.12 22.25
C ALA A 147 15.08 -21.26 21.53
N ALA A 148 15.13 -21.25 20.19
CA ALA A 148 13.95 -21.38 19.39
C ALA A 148 13.26 -22.72 19.62
N GLN A 149 14.04 -23.80 19.65
CA GLN A 149 13.45 -25.11 19.82
C GLN A 149 12.86 -25.30 21.19
N LEU A 150 13.49 -24.72 22.20
CA LEU A 150 12.95 -24.88 23.55
C LEU A 150 11.57 -24.25 23.65
N GLY A 151 11.44 -23.04 23.12
CA GLY A 151 10.16 -22.36 23.18
C GLY A 151 9.20 -22.76 22.09
N GLN A 152 9.52 -23.80 21.33
CA GLN A 152 8.66 -24.23 20.22
C GLN A 152 8.42 -22.98 19.39
N ALA A 153 9.48 -22.27 19.03
CA ALA A 153 9.30 -21.05 18.25
C ALA A 153 10.25 -21.01 17.06
N GLN A 154 10.16 -19.92 16.30
CA GLN A 154 10.98 -19.67 15.13
C GLN A 154 11.88 -18.44 15.27
N SER A 155 13.16 -18.60 14.97
CA SER A 155 14.07 -17.46 15.03
C SER A 155 14.32 -16.96 13.61
N LEU A 156 14.07 -15.67 13.39
CA LEU A 156 14.27 -15.08 12.07
C LEU A 156 15.19 -13.90 12.25
N ASN A 157 16.31 -13.90 11.56
CA ASN A 157 17.23 -12.77 11.67
C ASN A 157 17.24 -11.99 10.35
N ILE A 158 17.05 -10.68 10.47
CA ILE A 158 16.98 -9.80 9.32
C ILE A 158 18.18 -8.88 9.18
N ARG A 159 18.86 -8.96 8.04
CA ARG A 159 20.03 -8.13 7.77
C ARG A 159 19.69 -7.07 6.77
N LEU A 160 19.27 -5.91 7.26
CA LEU A 160 18.93 -4.80 6.39
C LEU A 160 20.23 -4.17 5.91
N GLY A 161 20.17 -3.55 4.73
CA GLY A 161 21.36 -2.94 4.18
C GLY A 161 22.34 -4.00 3.71
N PRO B 43 22.46 -0.73 -7.25
CA PRO B 43 21.98 0.20 -8.30
C PRO B 43 20.52 0.64 -8.12
N ALA B 44 19.94 1.21 -9.16
CA ALA B 44 18.55 1.68 -9.11
C ALA B 44 17.61 0.65 -9.68
N ALA B 45 16.35 0.68 -9.22
CA ALA B 45 15.34 -0.25 -9.69
C ALA B 45 15.74 -1.72 -9.47
N PHE B 46 16.77 -1.93 -8.66
CA PHE B 46 17.23 -3.28 -8.37
C PHE B 46 17.36 -3.52 -6.86
N SER B 47 17.07 -4.75 -6.43
CA SER B 47 17.16 -5.14 -5.02
C SER B 47 17.28 -6.64 -4.97
N GLU B 48 17.95 -7.14 -3.96
CA GLU B 48 18.15 -8.57 -3.84
C GLU B 48 17.70 -9.04 -2.48
N LEU B 49 16.98 -10.16 -2.47
CA LEU B 49 16.45 -10.76 -1.26
C LEU B 49 17.09 -12.13 -1.14
N SER B 50 17.73 -12.38 0.00
CA SER B 50 18.40 -13.66 0.25
C SER B 50 17.72 -14.37 1.39
N LEU B 51 17.45 -15.65 1.20
CA LEU B 51 16.79 -16.48 2.22
C LEU B 51 17.58 -17.75 2.53
N SER B 52 18.00 -17.89 3.78
CA SER B 52 18.75 -19.07 4.19
C SER B 52 18.06 -19.74 5.38
N GLY B 53 18.02 -21.07 5.34
CA GLY B 53 17.40 -21.84 6.39
C GLY B 53 16.69 -23.00 5.72
N LEU B 54 15.87 -23.75 6.45
CA LEU B 54 15.15 -24.87 5.88
C LEU B 54 14.54 -24.46 4.55
N PRO B 55 14.82 -25.22 3.47
CA PRO B 55 14.26 -24.87 2.15
C PRO B 55 12.75 -24.58 2.23
N GLY B 56 12.07 -25.35 3.06
CA GLY B 56 10.64 -25.15 3.21
C GLY B 56 10.31 -23.81 3.85
N HIS B 57 10.93 -23.52 4.98
CA HIS B 57 10.66 -22.26 5.68
C HIS B 57 11.02 -21.05 4.82
N CYS B 58 11.98 -21.22 3.92
CA CYS B 58 12.35 -20.11 3.04
C CYS B 58 11.19 -19.79 2.11
N LEU B 59 10.52 -20.82 1.61
CA LEU B 59 9.38 -20.61 0.72
C LEU B 59 8.27 -19.91 1.46
N THR B 60 8.10 -20.30 2.72
CA THR B 60 7.08 -19.70 3.55
C THR B 60 7.33 -18.21 3.66
N LEU B 61 8.56 -17.83 3.99
CA LEU B 61 8.93 -16.44 4.14
C LEU B 61 8.78 -15.67 2.86
N LEU B 62 8.85 -16.38 1.74
CA LEU B 62 8.75 -15.75 0.43
C LEU B 62 7.29 -15.44 0.05
N ALA B 63 6.41 -16.41 0.26
CA ALA B 63 4.99 -16.26 -0.09
C ALA B 63 4.43 -14.87 0.19
N PRO B 64 4.42 -14.42 1.46
CA PRO B 64 3.88 -13.09 1.73
C PRO B 64 4.39 -12.01 0.81
N ILE B 65 5.65 -12.08 0.42
CA ILE B 65 6.20 -11.06 -0.48
C ILE B 65 5.60 -11.21 -1.88
N LEU B 66 5.63 -12.42 -2.42
CA LEU B 66 5.08 -12.63 -3.75
C LEU B 66 3.61 -12.23 -3.76
N ARG B 67 2.91 -12.62 -2.71
CA ARG B 67 1.50 -12.33 -2.61
C ARG B 67 1.25 -10.82 -2.57
N GLU B 68 2.02 -10.10 -1.77
CA GLU B 68 1.90 -8.64 -1.62
C GLU B 68 2.09 -7.89 -2.93
N LEU B 69 3.01 -8.38 -3.75
CA LEU B 69 3.31 -7.77 -5.03
C LEU B 69 2.20 -8.00 -6.04
N SER B 70 1.68 -9.23 -6.07
CA SER B 70 0.65 -9.60 -7.03
C SER B 70 -0.68 -8.92 -6.82
N GLU B 71 -1.20 -8.98 -5.60
CA GLU B 71 -2.48 -8.33 -5.33
C GLU B 71 -2.21 -6.85 -5.07
N GLU B 72 -1.21 -6.30 -5.74
CA GLU B 72 -0.82 -4.90 -5.58
C GLU B 72 -1.76 -3.97 -6.34
N GLN B 73 -1.51 -2.67 -6.20
CA GLN B 73 -2.33 -1.65 -6.85
C GLN B 73 -2.10 -1.50 -8.36
N ASP B 74 -0.93 -1.91 -8.83
CA ASP B 74 -0.62 -1.81 -10.25
C ASP B 74 -1.51 -2.67 -11.15
N ALA B 75 -1.74 -2.19 -12.37
CA ALA B 75 -2.55 -2.90 -13.35
C ALA B 75 -1.66 -3.84 -14.16
N ARG B 76 -0.35 -3.68 -14.01
CA ARG B 76 0.62 -4.50 -14.72
C ARG B 76 0.84 -5.82 -14.01
N TRP B 77 1.66 -6.66 -14.61
CA TRP B 77 1.90 -7.98 -14.07
C TRP B 77 3.12 -8.16 -13.20
N LEU B 78 3.12 -9.25 -12.45
CA LEU B 78 4.24 -9.61 -11.63
C LEU B 78 4.74 -10.85 -12.36
N THR B 79 5.85 -10.80 -13.08
CA THR B 79 6.31 -12.01 -13.76
C THR B 79 7.48 -12.60 -13.00
N LEU B 80 7.49 -13.93 -12.90
CA LEU B 80 8.56 -14.67 -12.23
C LEU B 80 9.35 -15.35 -13.33
N ILE B 81 10.68 -15.33 -13.23
CA ILE B 81 11.47 -15.93 -14.28
C ILE B 81 12.42 -17.02 -13.83
N ALA B 82 12.21 -18.21 -14.36
CA ALA B 82 13.04 -19.36 -14.02
C ALA B 82 13.01 -19.60 -12.51
N PRO B 83 11.82 -19.62 -11.92
CA PRO B 83 11.78 -19.86 -10.47
C PRO B 83 12.17 -21.31 -10.24
N PRO B 84 12.69 -21.62 -9.04
CA PRO B 84 13.09 -23.00 -8.71
C PRO B 84 11.92 -23.98 -8.73
N ALA B 85 12.23 -25.28 -8.83
CA ALA B 85 11.21 -26.32 -8.88
C ALA B 85 10.18 -26.17 -7.77
N SER B 86 10.65 -25.84 -6.56
CA SER B 86 9.79 -25.68 -5.40
C SER B 86 8.47 -25.02 -5.76
N LEU B 87 8.52 -23.88 -6.45
CA LEU B 87 7.29 -23.18 -6.81
C LEU B 87 6.39 -23.98 -7.74
N THR B 88 5.74 -24.97 -7.17
CA THR B 88 4.84 -25.84 -7.89
C THR B 88 3.60 -25.09 -8.29
N HIS B 89 2.87 -25.68 -9.22
CA HIS B 89 1.62 -25.12 -9.70
C HIS B 89 0.74 -25.05 -8.45
N GLU B 90 0.87 -26.05 -7.59
CA GLU B 90 0.09 -26.11 -6.37
C GLU B 90 0.59 -25.09 -5.34
N TRP B 91 1.90 -25.03 -5.16
CA TRP B 91 2.49 -24.11 -4.19
C TRP B 91 1.95 -22.70 -4.40
N LEU B 92 1.86 -22.29 -5.65
CA LEU B 92 1.37 -20.95 -5.96
C LEU B 92 -0.04 -20.72 -5.47
N ARG B 93 -0.98 -21.60 -5.81
CA ARG B 93 -2.36 -21.38 -5.37
C ARG B 93 -2.50 -21.62 -3.88
N ARG B 94 -1.72 -22.56 -3.33
CA ARG B 94 -1.80 -22.79 -1.90
C ARG B 94 -1.25 -21.53 -1.22
N ALA B 95 -0.32 -20.87 -1.90
CA ALA B 95 0.28 -19.65 -1.40
C ALA B 95 -0.75 -18.58 -1.54
N GLY B 96 -1.69 -18.78 -2.46
CA GLY B 96 -2.72 -17.78 -2.66
C GLY B 96 -2.33 -16.79 -3.72
N LEU B 97 -1.89 -17.31 -4.86
CA LEU B 97 -1.50 -16.47 -5.99
C LEU B 97 -2.60 -15.57 -6.52
N ASN B 98 -2.24 -14.38 -7.01
CA ASN B 98 -3.25 -13.51 -7.59
C ASN B 98 -3.57 -14.20 -8.93
N ARG B 99 -3.03 -15.42 -9.06
CA ARG B 99 -3.19 -16.32 -10.21
C ARG B 99 -3.43 -15.66 -11.57
N GLU B 100 -4.49 -14.86 -11.67
CA GLU B 100 -4.81 -14.16 -12.92
C GLU B 100 -3.72 -13.14 -13.27
N ARG B 101 -2.98 -12.70 -12.25
CA ARG B 101 -1.94 -11.69 -12.48
C ARG B 101 -0.54 -12.10 -11.97
N ILE B 102 -0.05 -13.22 -12.46
CA ILE B 102 1.27 -13.73 -12.11
C ILE B 102 1.73 -14.63 -13.24
N LEU B 103 2.61 -14.13 -14.08
CA LEU B 103 3.11 -14.92 -15.18
C LEU B 103 4.38 -15.65 -14.75
N LEU B 104 4.59 -16.81 -15.32
CA LEU B 104 5.72 -17.60 -14.92
C LEU B 104 6.43 -18.17 -16.14
N LEU B 105 7.50 -17.51 -16.56
CA LEU B 105 8.28 -17.93 -17.71
C LEU B 105 9.37 -18.86 -17.27
N GLN B 106 9.76 -19.76 -18.17
CA GLN B 106 10.78 -20.74 -17.86
C GLN B 106 12.05 -20.49 -18.67
N ALA B 107 13.20 -20.74 -18.06
CA ALA B 107 14.47 -20.56 -18.74
C ALA B 107 15.33 -21.78 -18.47
N LYS B 108 16.22 -22.10 -19.40
CA LYS B 108 17.09 -23.26 -19.27
C LYS B 108 18.46 -22.92 -18.68
N ASP B 109 18.96 -21.75 -19.06
CA ASP B 109 20.28 -21.32 -18.61
C ASP B 109 20.25 -20.17 -17.63
N ASN B 110 21.08 -20.25 -16.62
CA ASN B 110 21.17 -19.18 -15.63
C ASN B 110 21.57 -17.90 -16.38
N ALA B 111 21.81 -18.04 -17.68
CA ALA B 111 22.18 -16.92 -18.53
C ALA B 111 20.99 -16.54 -19.39
N ALA B 112 20.21 -17.53 -19.79
CA ALA B 112 19.02 -17.29 -20.57
C ALA B 112 18.05 -16.55 -19.65
N ALA B 113 18.09 -16.91 -18.37
CA ALA B 113 17.22 -16.30 -17.36
C ALA B 113 17.55 -14.82 -17.25
N LEU B 114 18.84 -14.49 -17.17
CA LEU B 114 19.20 -13.09 -17.10
C LEU B 114 18.78 -12.37 -18.36
N ALA B 115 18.61 -13.10 -19.46
CA ALA B 115 18.19 -12.51 -20.73
C ALA B 115 16.70 -12.21 -20.67
N LEU B 116 15.89 -13.24 -20.41
CA LEU B 116 14.46 -13.08 -20.29
C LEU B 116 14.13 -11.96 -19.29
N SER B 117 14.75 -12.04 -18.11
CA SER B 117 14.53 -11.05 -17.07
C SER B 117 14.71 -9.64 -17.60
N CYS B 118 15.69 -9.46 -18.48
CA CYS B 118 15.90 -8.13 -18.99
C CYS B 118 14.84 -7.75 -20.00
N GLU B 119 14.43 -8.69 -20.86
CA GLU B 119 13.38 -8.41 -21.84
C GLU B 119 12.10 -8.05 -21.08
N ALA B 120 11.70 -8.93 -20.18
CA ALA B 120 10.52 -8.72 -19.37
C ALA B 120 10.48 -7.30 -18.81
N LEU B 121 11.57 -6.89 -18.16
CA LEU B 121 11.65 -5.56 -17.57
C LEU B 121 11.55 -4.47 -18.60
N ARG B 122 12.39 -4.57 -19.62
CA ARG B 122 12.44 -3.58 -20.68
C ARG B 122 11.08 -3.29 -21.31
N LEU B 123 10.37 -4.33 -21.77
CA LEU B 123 9.08 -4.10 -22.40
C LEU B 123 8.12 -3.46 -21.42
N GLY B 124 8.48 -3.55 -20.14
CA GLY B 124 7.72 -2.92 -19.05
C GLY B 124 6.22 -3.12 -18.94
N ARG B 125 5.78 -4.36 -19.17
CA ARG B 125 4.39 -4.70 -19.06
C ARG B 125 4.30 -5.47 -17.78
N SER B 126 5.33 -5.31 -16.94
CA SER B 126 5.40 -5.96 -15.64
C SER B 126 5.91 -4.92 -14.64
N HIS B 127 5.24 -4.78 -13.50
CA HIS B 127 5.70 -3.81 -12.51
C HIS B 127 6.87 -4.39 -11.75
N THR B 128 6.97 -5.70 -11.74
CA THR B 128 8.06 -6.36 -11.04
C THR B 128 8.43 -7.64 -11.76
N VAL B 129 9.73 -7.87 -11.94
CA VAL B 129 10.18 -9.10 -12.57
C VAL B 129 11.10 -9.72 -11.53
N VAL B 130 10.77 -10.94 -11.11
CA VAL B 130 11.54 -11.63 -10.09
C VAL B 130 12.47 -12.67 -10.67
N SER B 131 13.75 -12.49 -10.37
CA SER B 131 14.81 -13.36 -10.84
C SER B 131 15.30 -14.24 -9.70
N TRP B 132 15.88 -15.38 -10.07
CA TRP B 132 16.42 -16.31 -9.10
C TRP B 132 17.79 -16.64 -9.66
N LEU B 133 18.58 -15.58 -9.84
CA LEU B 133 19.91 -15.71 -10.41
C LEU B 133 21.06 -15.68 -9.43
N GLU B 134 21.91 -16.69 -9.53
CA GLU B 134 23.11 -16.79 -8.73
C GLU B 134 24.06 -17.73 -9.46
N PRO B 135 25.32 -17.29 -9.64
CA PRO B 135 25.81 -15.98 -9.19
C PRO B 135 25.23 -14.85 -10.03
N LEU B 136 25.49 -13.62 -9.63
CA LEU B 136 25.00 -12.46 -10.35
C LEU B 136 26.06 -11.37 -10.33
N SER B 137 26.80 -11.25 -11.42
CA SER B 137 27.87 -10.26 -11.53
C SER B 137 27.40 -8.84 -11.29
N ARG B 138 28.32 -7.94 -10.94
CA ARG B 138 27.93 -6.56 -10.71
C ARG B 138 27.48 -6.01 -12.06
N ALA B 139 27.89 -6.70 -13.12
CA ALA B 139 27.53 -6.33 -14.48
C ALA B 139 26.06 -6.69 -14.69
N ALA B 140 25.77 -7.97 -14.55
CA ALA B 140 24.42 -8.48 -14.68
C ALA B 140 23.44 -7.53 -14.01
N ARG B 141 23.73 -7.16 -12.76
CA ARG B 141 22.86 -6.25 -12.04
C ARG B 141 22.64 -4.98 -12.83
N LYS B 142 23.71 -4.30 -13.22
CA LYS B 142 23.54 -3.08 -14.00
C LYS B 142 22.63 -3.33 -15.20
N GLN B 143 22.71 -4.51 -15.80
CA GLN B 143 21.84 -4.81 -16.94
C GLN B 143 20.38 -4.81 -16.51
N LEU B 144 20.09 -5.50 -15.40
CA LEU B 144 18.74 -5.56 -14.88
C LEU B 144 18.31 -4.14 -14.52
N SER B 145 19.17 -3.42 -13.83
CA SER B 145 18.85 -2.07 -13.44
C SER B 145 18.41 -1.20 -14.60
N ARG B 146 19.13 -1.25 -15.71
CA ARG B 146 18.76 -0.43 -16.87
C ARG B 146 17.47 -0.91 -17.48
N ALA B 147 17.36 -2.22 -17.68
CA ALA B 147 16.15 -2.79 -18.23
C ALA B 147 14.98 -2.36 -17.35
N ALA B 148 15.17 -2.46 -16.04
CA ALA B 148 14.12 -2.07 -15.13
C ALA B 148 13.70 -0.62 -15.31
N GLN B 149 14.67 0.28 -15.41
CA GLN B 149 14.30 1.68 -15.56
C GLN B 149 13.61 1.98 -16.89
N LEU B 150 13.99 1.26 -17.95
CA LEU B 150 13.37 1.49 -19.24
C LEU B 150 11.92 1.13 -19.17
N GLY B 151 11.64 -0.06 -18.64
CA GLY B 151 10.27 -0.52 -18.51
C GLY B 151 9.53 0.13 -17.34
N GLN B 152 10.22 1.00 -16.60
CA GLN B 152 9.58 1.67 -15.48
C GLN B 152 9.17 0.62 -14.49
N ALA B 153 9.96 -0.42 -14.40
CA ALA B 153 9.65 -1.51 -13.51
C ALA B 153 10.70 -1.69 -12.42
N GLN B 154 10.52 -2.74 -11.63
CA GLN B 154 11.40 -3.09 -10.52
C GLN B 154 12.03 -4.47 -10.73
N SER B 155 13.33 -4.57 -10.48
CA SER B 155 13.99 -5.85 -10.60
C SER B 155 14.28 -6.36 -9.21
N LEU B 156 13.84 -7.58 -8.91
CA LEU B 156 14.04 -8.18 -7.60
C LEU B 156 14.67 -9.53 -7.83
N ASN B 157 15.84 -9.74 -7.26
CA ASN B 157 16.51 -11.01 -7.41
C ASN B 157 16.51 -11.77 -6.09
N ILE B 158 16.05 -13.01 -6.15
CA ILE B 158 15.93 -13.86 -4.97
C ILE B 158 16.91 -15.00 -4.93
N ARG B 159 17.75 -15.01 -3.90
CA ARG B 159 18.75 -16.05 -3.74
C ARG B 159 18.33 -17.04 -2.70
N LEU B 160 17.64 -18.10 -3.11
CA LEU B 160 17.21 -19.13 -2.17
C LEU B 160 18.42 -19.99 -1.79
N GLY B 161 18.37 -20.58 -0.61
CA GLY B 161 19.47 -21.41 -0.18
C GLY B 161 20.67 -20.54 0.17
N PRO C 43 -17.34 1.74 -16.38
CA PRO C 43 -16.52 0.83 -17.17
C PRO C 43 -15.32 0.31 -16.39
N ALA C 44 -14.33 -0.25 -17.08
CA ALA C 44 -13.13 -0.79 -16.43
C ALA C 44 -11.98 0.21 -16.49
N ALA C 45 -11.06 0.12 -15.52
CA ALA C 45 -9.92 1.04 -15.48
C ALA C 45 -10.36 2.49 -15.40
N PHE C 46 -11.62 2.71 -15.04
CA PHE C 46 -12.13 4.06 -14.91
C PHE C 46 -12.86 4.22 -13.59
N SER C 47 -12.77 5.41 -13.02
CA SER C 47 -13.44 5.73 -11.76
C SER C 47 -13.57 7.22 -11.70
N GLU C 48 -14.63 7.69 -11.05
CA GLU C 48 -14.82 9.12 -10.92
C GLU C 48 -14.97 9.49 -9.45
N LEU C 49 -14.34 10.60 -9.07
CA LEU C 49 -14.37 11.12 -7.71
C LEU C 49 -14.99 12.50 -7.81
N SER C 50 -16.03 12.74 -7.02
CA SER C 50 -16.73 14.02 -7.00
C SER C 50 -16.61 14.67 -5.64
N LEU C 51 -16.18 15.93 -5.63
CA LEU C 51 -16.03 16.67 -4.39
C LEU C 51 -16.88 17.93 -4.35
N SER C 52 -17.77 18.03 -3.38
CA SER C 52 -18.61 19.22 -3.25
C SER C 52 -18.46 19.81 -1.86
N GLY C 53 -18.43 21.14 -1.80
CA GLY C 53 -18.31 21.85 -0.55
C GLY C 53 -17.35 23.00 -0.76
N LEU C 54 -16.94 23.67 0.33
CA LEU C 54 -16.01 24.78 0.20
C LEU C 54 -14.89 24.40 -0.76
N PRO C 55 -14.66 25.23 -1.79
CA PRO C 55 -13.60 24.91 -2.75
C PRO C 55 -12.29 24.56 -2.05
N GLY C 56 -12.03 25.21 -0.92
CA GLY C 56 -10.82 24.95 -0.17
C GLY C 56 -10.79 23.54 0.40
N HIS C 57 -11.85 23.17 1.13
CA HIS C 57 -11.98 21.84 1.71
C HIS C 57 -11.69 20.80 0.67
N CYS C 58 -12.45 20.90 -0.41
CA CYS C 58 -12.33 19.97 -1.51
C CYS C 58 -10.87 19.67 -1.84
N LEU C 59 -10.06 20.72 -1.94
CA LEU C 59 -8.66 20.51 -2.23
C LEU C 59 -8.02 19.72 -1.10
N THR C 60 -8.35 20.08 0.13
CA THR C 60 -7.82 19.39 1.30
C THR C 60 -8.11 17.90 1.22
N LEU C 61 -9.35 17.57 0.89
CA LEU C 61 -9.79 16.19 0.77
C LEU C 61 -9.10 15.49 -0.37
N LEU C 62 -8.67 16.26 -1.35
CA LEU C 62 -8.03 15.68 -2.52
C LEU C 62 -6.57 15.32 -2.28
N ALA C 63 -5.86 16.22 -1.59
CA ALA C 63 -4.44 16.05 -1.31
C ALA C 63 -4.07 14.64 -0.92
N PRO C 64 -4.64 14.13 0.17
CA PRO C 64 -4.28 12.78 0.54
C PRO C 64 -4.35 11.77 -0.60
N ILE C 65 -5.34 11.89 -1.48
CA ILE C 65 -5.47 10.94 -2.57
C ILE C 65 -4.33 11.12 -3.56
N LEU C 66 -4.08 12.35 -4.00
CA LEU C 66 -2.98 12.57 -4.95
C LEU C 66 -1.67 12.13 -4.31
N ARG C 67 -1.48 12.47 -3.05
CA ARG C 67 -0.26 12.12 -2.38
C ARG C 67 -0.11 10.61 -2.39
N GLU C 68 -1.20 9.90 -2.09
CA GLU C 68 -1.22 8.44 -2.06
C GLU C 68 -0.96 7.84 -3.42
N LEU C 69 -1.61 8.39 -4.44
CA LEU C 69 -1.42 7.90 -5.80
C LEU C 69 0.01 8.06 -6.20
N SER C 70 0.53 9.27 -5.98
CA SER C 70 1.90 9.59 -6.33
C SER C 70 2.94 8.71 -5.66
N GLU C 71 2.90 8.57 -4.35
CA GLU C 71 3.89 7.75 -3.69
C GLU C 71 3.51 6.27 -3.74
N GLU C 72 3.12 5.81 -4.93
CA GLU C 72 2.70 4.41 -5.08
C GLU C 72 3.79 3.46 -5.56
N GLN C 73 3.55 2.17 -5.36
CA GLN C 73 4.51 1.12 -5.70
C GLN C 73 4.85 0.85 -7.16
N ASP C 74 3.95 1.16 -8.09
CA ASP C 74 4.26 0.95 -9.51
C ASP C 74 5.16 2.11 -9.94
N ALA C 75 6.38 1.79 -10.36
CA ALA C 75 7.38 2.77 -10.76
C ALA C 75 7.11 3.78 -11.89
N ARG C 76 5.88 3.91 -12.37
CA ARG C 76 5.60 4.87 -13.43
C ARG C 76 5.04 6.18 -12.86
N TRP C 77 4.82 7.14 -13.73
CA TRP C 77 4.32 8.45 -13.32
C TRP C 77 2.87 8.54 -12.93
N LEU C 78 2.53 9.66 -12.31
CA LEU C 78 1.17 9.97 -11.95
C LEU C 78 0.99 11.26 -12.69
N THR C 79 0.32 11.26 -13.85
CA THR C 79 0.18 12.51 -14.57
C THR C 79 -1.18 13.15 -14.33
N LEU C 80 -1.16 14.47 -14.12
CA LEU C 80 -2.39 15.26 -13.90
C LEU C 80 -2.63 16.03 -15.18
N ILE C 81 -3.85 16.01 -15.70
CA ILE C 81 -4.12 16.72 -16.95
C ILE C 81 -5.16 17.83 -16.89
N ALA C 82 -4.71 19.04 -17.14
CA ALA C 82 -5.59 20.20 -17.14
C ALA C 82 -6.20 20.38 -15.75
N PRO C 83 -5.36 20.33 -14.70
CA PRO C 83 -5.92 20.50 -13.36
C PRO C 83 -6.35 21.96 -13.20
N PRO C 84 -7.36 22.21 -12.35
CA PRO C 84 -7.85 23.58 -12.13
C PRO C 84 -6.76 24.50 -11.56
N ALA C 85 -6.96 25.80 -11.72
CA ALA C 85 -6.01 26.79 -11.26
C ALA C 85 -5.57 26.55 -9.82
N SER C 86 -6.53 26.16 -8.98
CA SER C 86 -6.24 25.91 -7.58
C SER C 86 -4.89 25.21 -7.37
N LEU C 87 -4.67 24.11 -8.07
CA LEU C 87 -3.43 23.35 -7.93
C LEU C 87 -2.21 24.14 -8.34
N THR C 88 -1.87 25.09 -7.48
CA THR C 88 -0.73 25.98 -7.66
C THR C 88 0.56 25.20 -7.53
N HIS C 89 1.63 25.78 -8.05
CA HIS C 89 2.95 25.18 -7.96
C HIS C 89 3.21 25.00 -6.45
N GLU C 90 2.76 25.98 -5.67
CA GLU C 90 2.93 25.94 -4.23
C GLU C 90 2.03 24.89 -3.58
N TRP C 91 0.76 24.88 -3.98
CA TRP C 91 -0.21 23.93 -3.43
C TRP C 91 0.31 22.50 -3.46
N LEU C 92 0.91 22.12 -4.58
CA LEU C 92 1.46 20.78 -4.73
C LEU C 92 2.54 20.48 -3.70
N ARG C 93 3.55 21.34 -3.58
CA ARG C 93 4.58 21.03 -2.60
C ARG C 93 4.05 21.18 -1.18
N ARG C 94 3.11 22.11 -0.96
CA ARG C 94 2.55 22.27 0.37
C ARG C 94 1.73 21.04 0.69
N ALA C 95 1.06 20.48 -0.32
CA ALA C 95 0.28 19.26 -0.10
C ALA C 95 1.32 18.16 0.03
N GLY C 96 2.58 18.61 0.03
CA GLY C 96 3.73 17.74 0.17
C GLY C 96 3.73 16.50 -0.68
N LEU C 97 3.52 16.64 -1.98
CA LEU C 97 3.51 15.48 -2.83
C LEU C 97 4.84 15.31 -3.55
N ASN C 98 5.28 14.05 -3.67
CA ASN C 98 6.54 13.62 -4.31
C ASN C 98 6.72 14.17 -5.74
N ARG C 99 7.03 15.46 -5.84
CA ARG C 99 7.20 16.17 -7.12
C ARG C 99 8.08 15.53 -8.18
N GLU C 100 8.76 14.45 -7.82
CA GLU C 100 9.63 13.77 -8.77
C GLU C 100 8.97 12.52 -9.30
N ARG C 101 7.65 12.52 -9.31
CA ARG C 101 6.90 11.38 -9.81
C ARG C 101 5.60 11.91 -10.34
N ILE C 102 5.48 13.24 -10.39
CA ILE C 102 4.28 13.89 -10.87
C ILE C 102 4.44 14.74 -12.12
N LEU C 103 3.67 14.43 -13.14
CA LEU C 103 3.69 15.20 -14.38
C LEU C 103 2.45 16.07 -14.32
N LEU C 104 2.54 17.26 -14.90
CA LEU C 104 1.40 18.15 -14.90
C LEU C 104 1.31 18.80 -16.25
N LEU C 105 0.50 18.22 -17.12
CA LEU C 105 0.31 18.73 -18.48
C LEU C 105 -0.85 19.71 -18.51
N GLN C 106 -0.77 20.69 -19.40
CA GLN C 106 -1.82 21.68 -19.52
C GLN C 106 -2.59 21.53 -20.83
N ALA C 107 -3.89 21.82 -20.78
CA ALA C 107 -4.75 21.74 -21.96
C ALA C 107 -5.61 22.99 -21.98
N LYS C 108 -6.05 23.37 -23.18
CA LYS C 108 -6.87 24.58 -23.32
C LYS C 108 -8.35 24.26 -23.42
N ASP C 109 -8.67 23.14 -24.06
CA ASP C 109 -10.05 22.74 -24.26
C ASP C 109 -10.48 21.53 -23.43
N ASN C 110 -11.68 21.61 -22.87
CA ASN C 110 -12.21 20.51 -22.09
C ASN C 110 -12.28 19.30 -23.03
N ALA C 111 -11.93 19.52 -24.30
CA ALA C 111 -11.93 18.45 -25.28
C ALA C 111 -10.48 18.05 -25.54
N ALA C 112 -9.60 19.05 -25.49
CA ALA C 112 -8.19 18.82 -25.68
C ALA C 112 -7.72 17.99 -24.51
N ALA C 113 -8.29 18.28 -23.35
CA ALA C 113 -7.95 17.57 -22.12
C ALA C 113 -8.34 16.11 -22.28
N LEU C 114 -9.52 15.85 -22.84
CA LEU C 114 -9.93 14.46 -23.02
C LEU C 114 -8.98 13.76 -23.99
N ALA C 115 -8.37 14.55 -24.86
CA ALA C 115 -7.44 14.00 -25.85
C ALA C 115 -6.14 13.61 -25.15
N LEU C 116 -5.52 14.58 -24.47
CA LEU C 116 -4.26 14.34 -23.75
C LEU C 116 -4.43 13.18 -22.81
N SER C 117 -5.50 13.22 -22.03
CA SER C 117 -5.76 12.17 -21.06
C SER C 117 -5.72 10.79 -21.70
N CYS C 118 -6.21 10.71 -22.94
CA CYS C 118 -6.22 9.43 -23.61
C CYS C 118 -4.85 9.03 -24.13
N GLU C 119 -4.08 10.01 -24.62
CA GLU C 119 -2.73 9.70 -25.08
C GLU C 119 -1.94 9.23 -23.86
N ALA C 120 -1.88 10.07 -22.83
CA ALA C 120 -1.18 9.76 -21.60
C ALA C 120 -1.42 8.33 -21.19
N LEU C 121 -2.69 7.95 -21.07
CA LEU C 121 -3.04 6.58 -20.69
C LEU C 121 -2.50 5.56 -21.71
N ARG C 122 -2.77 5.80 -22.98
CA ARG C 122 -2.34 4.91 -24.05
C ARG C 122 -0.85 4.54 -23.97
N LEU C 123 0.01 5.57 -23.93
CA LEU C 123 1.47 5.41 -23.87
C LEU C 123 1.93 4.52 -22.73
N GLY C 124 1.11 4.40 -21.69
CA GLY C 124 1.41 3.54 -20.56
C GLY C 124 2.61 3.79 -19.69
N ARG C 125 3.01 5.05 -19.55
CA ARG C 125 4.16 5.41 -18.73
C ARG C 125 3.67 6.08 -17.47
N SER C 126 2.35 6.04 -17.29
CA SER C 126 1.75 6.60 -16.11
C SER C 126 0.85 5.50 -15.53
N HIS C 127 0.92 5.28 -14.23
CA HIS C 127 0.07 4.27 -13.63
C HIS C 127 -1.33 4.83 -13.47
N THR C 128 -1.41 6.15 -13.38
CA THR C 128 -2.70 6.83 -13.21
C THR C 128 -2.67 8.16 -13.94
N VAL C 129 -3.76 8.49 -14.63
CA VAL C 129 -3.82 9.78 -15.31
C VAL C 129 -5.08 10.40 -14.77
N VAL C 130 -4.93 11.52 -14.07
CA VAL C 130 -6.08 12.19 -13.47
C VAL C 130 -6.65 13.30 -14.31
N SER C 131 -7.94 13.17 -14.64
CA SER C 131 -8.63 14.15 -15.45
C SER C 131 -9.54 15.01 -14.58
N TRP C 132 -9.89 16.19 -15.09
CA TRP C 132 -10.77 17.11 -14.39
C TRP C 132 -11.77 17.52 -15.44
N LEU C 133 -12.42 16.52 -16.03
CA LEU C 133 -13.37 16.73 -17.09
C LEU C 133 -14.84 16.70 -16.71
N GLU C 134 -15.53 17.76 -17.10
CA GLU C 134 -16.97 17.89 -16.90
C GLU C 134 -17.53 18.91 -17.90
N PRO C 135 -18.60 18.54 -18.61
CA PRO C 135 -19.26 17.23 -18.52
C PRO C 135 -18.39 16.10 -19.09
N LEU C 136 -18.82 14.86 -18.88
CA LEU C 136 -18.10 13.70 -19.40
C LEU C 136 -19.09 12.67 -19.91
N SER C 137 -19.27 12.63 -21.24
CA SER C 137 -20.19 11.70 -21.87
C SER C 137 -19.92 10.25 -21.54
N ARG C 138 -20.91 9.39 -21.71
CA ARG C 138 -20.72 7.99 -21.44
C ARG C 138 -19.74 7.49 -22.49
N ALA C 139 -19.61 8.26 -23.57
CA ALA C 139 -18.70 7.93 -24.65
C ALA C 139 -17.30 8.22 -24.16
N ALA C 140 -17.05 9.49 -23.84
CA ALA C 140 -15.78 9.95 -23.34
C ALA C 140 -15.20 8.93 -22.35
N ARG C 141 -16.02 8.48 -21.40
CA ARG C 141 -15.55 7.49 -20.44
C ARG C 141 -15.04 6.26 -21.14
N LYS C 142 -15.85 5.69 -22.02
CA LYS C 142 -15.41 4.50 -22.73
C LYS C 142 -14.06 4.77 -23.37
N GLN C 143 -13.86 5.97 -23.89
CA GLN C 143 -12.58 6.29 -24.51
C GLN C 143 -11.44 6.19 -23.50
N LEU C 144 -11.62 6.82 -22.35
CA LEU C 144 -10.61 6.77 -21.29
C LEU C 144 -10.43 5.34 -20.83
N SER C 145 -11.52 4.60 -20.66
CA SER C 145 -11.41 3.22 -20.24
C SER C 145 -10.53 2.38 -21.16
N ARG C 146 -10.69 2.54 -22.47
CA ARG C 146 -9.89 1.77 -23.42
C ARG C 146 -8.45 2.24 -23.40
N ALA C 147 -8.26 3.55 -23.42
CA ALA C 147 -6.91 4.09 -23.38
C ALA C 147 -6.22 3.55 -22.14
N ALA C 148 -6.94 3.56 -21.01
CA ALA C 148 -6.41 3.08 -19.75
C ALA C 148 -6.00 1.62 -19.81
N GLN C 149 -6.82 0.77 -20.42
CA GLN C 149 -6.48 -0.65 -20.50
C GLN C 149 -5.30 -0.91 -21.41
N LEU C 150 -5.18 -0.16 -22.49
CA LEU C 150 -4.06 -0.36 -23.37
C LEU C 150 -2.75 -0.05 -22.64
N GLY C 151 -2.72 1.08 -21.96
CA GLY C 151 -1.54 1.48 -21.23
C GLY C 151 -1.38 0.76 -19.91
N GLN C 152 -2.22 -0.23 -19.66
CA GLN C 152 -2.15 -0.94 -18.41
C GLN C 152 -2.13 0.12 -17.31
N ALA C 153 -3.02 1.11 -17.42
CA ALA C 153 -3.08 2.17 -16.43
C ALA C 153 -4.50 2.34 -15.87
N GLN C 154 -4.68 3.36 -15.05
CA GLN C 154 -5.94 3.70 -14.41
C GLN C 154 -6.39 5.12 -14.78
N SER C 155 -7.66 5.28 -15.11
CA SER C 155 -8.16 6.61 -15.40
C SER C 155 -9.01 7.07 -14.22
N LEU C 156 -8.70 8.25 -13.69
CA LEU C 156 -9.45 8.79 -12.56
C LEU C 156 -9.88 10.18 -12.95
N ASN C 157 -11.19 10.42 -12.96
CA ASN C 157 -11.70 11.73 -13.31
C ASN C 157 -12.26 12.38 -12.06
N ILE C 158 -11.83 13.61 -11.81
CA ILE C 158 -12.23 14.36 -10.63
C ILE C 158 -13.12 15.56 -10.96
N ARG C 159 -14.32 15.58 -10.38
CA ARG C 159 -15.24 16.68 -10.59
C ARG C 159 -15.27 17.57 -9.37
N LEU C 160 -14.45 18.62 -9.37
CA LEU C 160 -14.45 19.56 -8.25
C LEU C 160 -15.67 20.46 -8.39
N GLY C 161 -16.13 21.00 -7.26
CA GLY C 161 -17.29 21.86 -7.28
C GLY C 161 -18.57 21.07 -7.56
N PRO D 43 -23.44 23.97 1.78
CA PRO D 43 -23.44 24.77 3.04
C PRO D 43 -22.05 24.84 3.64
N ALA D 44 -21.98 25.24 4.91
CA ALA D 44 -20.69 25.37 5.61
C ALA D 44 -20.43 24.15 6.50
N ALA D 45 -19.16 23.85 6.74
CA ALA D 45 -18.81 22.72 7.58
C ALA D 45 -19.33 21.41 7.00
N PHE D 46 -19.70 21.44 5.72
CA PHE D 46 -20.20 20.24 5.05
C PHE D 46 -19.52 20.06 3.69
N SER D 47 -19.27 18.80 3.36
CA SER D 47 -18.66 18.42 2.09
C SER D 47 -19.03 16.98 1.79
N GLU D 48 -19.16 16.68 0.51
CA GLU D 48 -19.54 15.34 0.10
C GLU D 48 -18.51 14.80 -0.89
N LEU D 49 -18.15 13.55 -0.69
CA LEU D 49 -17.18 12.88 -1.55
C LEU D 49 -17.93 11.69 -2.16
N SER D 50 -17.88 11.60 -3.48
CA SER D 50 -18.57 10.52 -4.22
C SER D 50 -17.54 9.70 -4.96
N LEU D 51 -17.64 8.38 -4.80
CA LEU D 51 -16.71 7.47 -5.45
C LEU D 51 -17.42 6.43 -6.31
N SER D 52 -17.12 6.41 -7.60
CA SER D 52 -17.73 5.45 -8.49
C SER D 52 -16.67 4.67 -9.27
N GLY D 53 -16.89 3.36 -9.38
CA GLY D 53 -15.97 2.48 -10.07
C GLY D 53 -15.96 1.19 -9.29
N LEU D 54 -15.02 0.29 -9.58
CA LEU D 54 -14.96 -0.97 -8.85
C LEU D 54 -15.12 -0.74 -7.34
N PRO D 55 -16.04 -1.47 -6.70
CA PRO D 55 -16.24 -1.28 -5.26
C PRO D 55 -14.91 -1.35 -4.51
N GLY D 56 -14.04 -2.24 -4.96
CA GLY D 56 -12.75 -2.38 -4.32
C GLY D 56 -11.88 -1.15 -4.49
N HIS D 57 -11.66 -0.74 -5.72
CA HIS D 57 -10.83 0.45 -5.96
C HIS D 57 -11.33 1.61 -5.09
N CYS D 58 -12.62 1.88 -5.16
CA CYS D 58 -13.19 2.96 -4.38
C CYS D 58 -12.68 2.94 -2.95
N LEU D 59 -12.68 1.78 -2.31
CA LEU D 59 -12.20 1.68 -0.94
C LEU D 59 -10.75 2.09 -0.88
N THR D 60 -10.02 1.73 -1.92
CA THR D 60 -8.60 2.07 -2.01
C THR D 60 -8.42 3.58 -2.03
N LEU D 61 -9.24 4.24 -2.85
CA LEU D 61 -9.20 5.69 -2.97
C LEU D 61 -9.62 6.38 -1.69
N LEU D 62 -10.39 5.69 -0.88
CA LEU D 62 -10.89 6.25 0.35
C LEU D 62 -9.87 6.18 1.48
N ALA D 63 -9.14 5.07 1.55
CA ALA D 63 -8.15 4.86 2.62
C ALA D 63 -7.30 6.08 2.87
N PRO D 64 -6.58 6.55 1.86
CA PRO D 64 -5.76 7.73 2.15
C PRO D 64 -6.50 8.83 2.90
N ILE D 65 -7.71 9.17 2.46
CA ILE D 65 -8.47 10.23 3.11
C ILE D 65 -8.80 9.93 4.56
N LEU D 66 -9.27 8.72 4.84
CA LEU D 66 -9.59 8.36 6.21
C LEU D 66 -8.29 8.34 7.01
N ARG D 67 -7.23 7.81 6.41
CA ARG D 67 -5.98 7.75 7.12
C ARG D 67 -5.55 9.15 7.55
N GLU D 68 -5.70 10.13 6.67
CA GLU D 68 -5.30 11.47 7.06
C GLU D 68 -6.17 11.82 8.25
N LEU D 69 -7.47 11.97 8.01
CA LEU D 69 -8.40 12.30 9.07
C LEU D 69 -8.07 11.61 10.41
N SER D 70 -7.70 10.33 10.38
CA SER D 70 -7.43 9.66 11.63
C SER D 70 -6.17 10.16 12.28
N GLU D 71 -5.22 10.64 11.50
CA GLU D 71 -4.00 11.11 12.10
C GLU D 71 -3.99 12.64 12.18
N GLU D 72 -5.19 13.24 12.10
CA GLU D 72 -5.36 14.68 12.20
C GLU D 72 -4.72 15.17 13.49
N GLN D 73 -4.27 16.41 13.52
CA GLN D 73 -3.65 16.92 14.75
C GLN D 73 -4.71 17.09 15.84
N ASP D 74 -5.87 17.63 15.48
CA ASP D 74 -6.99 17.85 16.41
C ASP D 74 -7.13 16.61 17.29
N ALA D 75 -6.68 16.70 18.53
CA ALA D 75 -6.72 15.55 19.44
C ALA D 75 -8.08 14.87 19.55
N ARG D 76 -9.14 15.52 19.11
CA ARG D 76 -10.48 14.93 19.18
C ARG D 76 -10.69 13.69 18.30
N TRP D 77 -11.82 13.03 18.49
CA TRP D 77 -12.19 11.83 17.74
C TRP D 77 -12.53 12.03 16.27
N LEU D 78 -12.36 10.96 15.50
CA LEU D 78 -12.73 10.94 14.10
C LEU D 78 -13.78 9.88 14.24
N THR D 79 -15.02 10.21 13.98
CA THR D 79 -16.01 9.17 14.14
C THR D 79 -16.68 8.86 12.81
N LEU D 80 -16.75 7.56 12.53
CA LEU D 80 -17.38 7.04 11.32
C LEU D 80 -18.78 6.55 11.73
N ILE D 81 -19.79 6.92 10.98
CA ILE D 81 -21.15 6.54 11.34
C ILE D 81 -21.90 5.71 10.31
N ALA D 82 -22.19 4.47 10.68
CA ALA D 82 -22.91 3.55 9.81
C ALA D 82 -22.10 3.34 8.53
N PRO D 83 -20.82 3.01 8.66
CA PRO D 83 -20.02 2.79 7.46
C PRO D 83 -20.46 1.47 6.82
N PRO D 84 -20.30 1.34 5.49
CA PRO D 84 -20.70 0.11 4.82
C PRO D 84 -19.94 -1.11 5.31
N ALA D 85 -20.51 -2.28 5.08
CA ALA D 85 -19.92 -3.54 5.50
C ALA D 85 -18.46 -3.63 5.09
N SER D 86 -18.14 -3.12 3.92
CA SER D 86 -16.78 -3.18 3.40
C SER D 86 -15.76 -2.89 4.48
N LEU D 87 -15.94 -1.77 5.17
CA LEU D 87 -15.01 -1.36 6.20
C LEU D 87 -14.91 -2.35 7.34
N THR D 88 -14.27 -3.47 7.05
CA THR D 88 -14.07 -4.56 7.99
C THR D 88 -13.12 -4.15 9.08
N HIS D 89 -13.16 -4.90 10.17
CA HIS D 89 -12.27 -4.64 11.29
C HIS D 89 -10.86 -4.75 10.74
N GLU D 90 -10.69 -5.67 9.79
CA GLU D 90 -9.39 -5.89 9.16
C GLU D 90 -9.07 -4.81 8.17
N TRP D 91 -10.05 -4.41 7.37
CA TRP D 91 -9.82 -3.38 6.37
C TRP D 91 -9.20 -2.13 6.97
N LEU D 92 -9.73 -1.72 8.12
CA LEU D 92 -9.23 -0.53 8.78
C LEU D 92 -7.77 -0.64 9.16
N ARG D 93 -7.38 -1.72 9.85
CA ARG D 93 -5.97 -1.83 10.22
C ARG D 93 -5.13 -2.01 8.99
N ARG D 94 -5.63 -2.74 8.01
CA ARG D 94 -4.85 -2.93 6.80
C ARG D 94 -4.68 -1.60 6.08
N ALA D 95 -5.62 -0.68 6.26
CA ALA D 95 -5.54 0.62 5.59
C ALA D 95 -4.65 1.57 6.35
N GLY D 96 -4.07 1.06 7.42
CA GLY D 96 -3.17 1.88 8.22
C GLY D 96 -3.79 3.03 8.98
N LEU D 97 -5.10 3.00 9.23
CA LEU D 97 -5.73 4.07 10.01
C LEU D 97 -5.32 3.88 11.45
N ASN D 98 -5.15 4.98 12.17
CA ASN D 98 -4.78 4.90 13.57
C ASN D 98 -6.04 4.53 14.34
N ARG D 99 -6.32 3.23 14.40
CA ARG D 99 -7.50 2.72 15.07
C ARG D 99 -7.79 3.36 16.43
N GLU D 100 -6.77 3.46 17.28
CA GLU D 100 -6.95 4.01 18.62
C GLU D 100 -7.70 5.34 18.65
N ARG D 101 -7.77 6.02 17.52
CA ARG D 101 -8.45 7.32 17.43
C ARG D 101 -9.74 7.33 16.62
N ILE D 102 -10.36 6.17 16.45
CA ILE D 102 -11.58 6.10 15.69
C ILE D 102 -12.77 5.65 16.55
N LEU D 103 -13.93 6.15 16.19
CA LEU D 103 -15.16 5.80 16.88
C LEU D 103 -16.04 5.34 15.76
N LEU D 104 -16.24 4.03 15.70
CA LEU D 104 -17.06 3.49 14.64
C LEU D 104 -18.41 3.12 15.22
N LEU D 105 -19.37 4.01 15.11
CA LEU D 105 -20.71 3.80 15.62
C LEU D 105 -21.58 3.14 14.56
N GLN D 106 -22.51 2.31 15.01
CA GLN D 106 -23.40 1.62 14.09
C GLN D 106 -24.82 2.16 14.16
N ALA D 107 -25.50 2.21 13.02
CA ALA D 107 -26.88 2.69 12.95
C ALA D 107 -27.66 1.71 12.09
N LYS D 108 -28.96 1.62 12.32
CA LYS D 108 -29.78 0.69 11.57
C LYS D 108 -30.53 1.35 10.43
N ASP D 109 -30.92 2.60 10.64
CA ASP D 109 -31.69 3.32 9.65
C ASP D 109 -30.89 4.44 8.99
N ASN D 110 -31.03 4.55 7.67
CA ASN D 110 -30.36 5.60 6.94
C ASN D 110 -30.87 6.92 7.51
N ALA D 111 -31.76 6.84 8.48
CA ALA D 111 -32.31 8.04 9.12
C ALA D 111 -31.74 8.09 10.53
N ALA D 112 -31.50 6.92 11.12
CA ALA D 112 -30.93 6.87 12.45
C ALA D 112 -29.51 7.37 12.31
N ALA D 113 -28.90 7.06 11.16
CA ALA D 113 -27.54 7.48 10.85
C ALA D 113 -27.51 9.00 10.81
N LEU D 114 -28.43 9.60 10.07
CA LEU D 114 -28.44 11.05 10.01
C LEU D 114 -28.64 11.61 11.41
N ALA D 115 -29.22 10.82 12.30
CA ALA D 115 -29.43 11.29 13.65
C ALA D 115 -28.11 11.26 14.40
N LEU D 116 -27.50 10.07 14.46
CA LEU D 116 -26.24 9.90 15.15
C LEU D 116 -25.21 10.91 14.66
N SER D 117 -25.14 11.06 13.35
CA SER D 117 -24.21 11.97 12.73
C SER D 117 -24.36 13.36 13.29
N CYS D 118 -25.61 13.78 13.50
CA CYS D 118 -25.85 15.10 14.04
C CYS D 118 -25.47 15.21 15.51
N GLU D 119 -25.75 14.17 16.29
CA GLU D 119 -25.36 14.22 17.70
C GLU D 119 -23.84 14.30 17.75
N ALA D 120 -23.18 13.32 17.12
CA ALA D 120 -21.73 13.26 17.11
C ALA D 120 -21.15 14.65 16.84
N LEU D 121 -21.61 15.27 15.76
CA LEU D 121 -21.12 16.58 15.42
C LEU D 121 -21.43 17.57 16.54
N ARG D 122 -22.71 17.64 16.89
CA ARG D 122 -23.23 18.54 17.91
C ARG D 122 -22.59 18.44 19.29
N LEU D 123 -22.07 17.27 19.65
CA LEU D 123 -21.43 17.12 20.95
C LEU D 123 -20.09 17.85 21.05
N GLY D 124 -19.43 18.07 19.92
CA GLY D 124 -18.16 18.77 19.91
C GLY D 124 -16.96 17.89 20.23
N ARG D 125 -17.17 16.58 20.25
CA ARG D 125 -16.08 15.67 20.56
C ARG D 125 -15.38 14.95 19.40
N SER D 126 -15.63 15.38 18.17
CA SER D 126 -15.02 14.79 16.99
C SER D 126 -14.65 15.92 16.05
N HIS D 127 -13.45 15.89 15.48
CA HIS D 127 -13.10 16.96 14.55
C HIS D 127 -13.83 16.73 13.26
N THR D 128 -14.05 15.44 12.96
CA THR D 128 -14.74 15.05 11.74
C THR D 128 -15.73 13.92 11.99
N VAL D 129 -16.90 14.00 11.38
CA VAL D 129 -17.86 12.91 11.52
C VAL D 129 -18.21 12.48 10.10
N VAL D 130 -17.81 11.24 9.75
CA VAL D 130 -18.06 10.74 8.41
C VAL D 130 -19.35 9.98 8.26
N SER D 131 -20.18 10.45 7.33
CA SER D 131 -21.48 9.84 7.06
C SER D 131 -21.44 9.09 5.73
N TRP D 132 -22.34 8.12 5.60
CA TRP D 132 -22.45 7.33 4.38
C TRP D 132 -23.93 7.35 4.04
N LEU D 133 -24.49 8.55 3.99
CA LEU D 133 -25.90 8.74 3.72
C LEU D 133 -26.30 9.05 2.30
N GLU D 134 -27.25 8.25 1.80
CA GLU D 134 -27.83 8.46 0.48
C GLU D 134 -29.19 7.77 0.46
N PRO D 135 -30.22 8.51 0.01
CA PRO D 135 -30.14 9.90 -0.46
C PRO D 135 -29.91 10.88 0.70
N LEU D 136 -29.61 12.13 0.38
CA LEU D 136 -29.39 13.14 1.41
C LEU D 136 -30.02 14.45 0.97
N SER D 137 -31.19 14.74 1.54
CA SER D 137 -31.95 15.95 1.22
C SER D 137 -31.16 17.22 1.44
N ARG D 138 -31.57 18.30 0.79
CA ARG D 138 -30.87 19.57 0.99
C ARG D 138 -31.13 19.97 2.43
N ALA D 139 -32.17 19.40 3.01
CA ALA D 139 -32.54 19.66 4.39
C ALA D 139 -31.52 18.97 5.27
N ALA D 140 -31.42 17.65 5.11
CA ALA D 140 -30.48 16.83 5.87
C ALA D 140 -29.11 17.49 5.94
N ARG D 141 -28.62 17.96 4.80
CA ARG D 141 -27.33 18.63 4.79
C ARG D 141 -27.33 19.79 5.77
N LYS D 142 -28.26 20.72 5.60
CA LYS D 142 -28.33 21.86 6.50
C LYS D 142 -28.27 21.38 7.93
N GLN D 143 -28.96 20.27 8.24
CA GLN D 143 -28.94 19.74 9.61
C GLN D 143 -27.51 19.41 10.01
N LEU D 144 -26.79 18.70 9.13
CA LEU D 144 -25.41 18.32 9.39
C LEU D 144 -24.55 19.56 9.50
N SER D 145 -24.76 20.51 8.59
CA SER D 145 -24.00 21.73 8.61
C SER D 145 -24.09 22.45 9.98
N ARG D 146 -25.30 22.66 10.48
CA ARG D 146 -25.47 23.32 11.78
C ARG D 146 -24.84 22.49 12.89
N ALA D 147 -25.10 21.20 12.89
CA ALA D 147 -24.55 20.33 13.93
C ALA D 147 -23.03 20.45 13.92
N ALA D 148 -22.49 20.53 12.71
CA ALA D 148 -21.04 20.63 12.52
C ALA D 148 -20.49 21.93 13.11
N GLN D 149 -21.13 23.04 12.81
CA GLN D 149 -20.66 24.31 13.30
C GLN D 149 -20.80 24.41 14.82
N LEU D 150 -21.86 23.84 15.40
CA LEU D 150 -22.00 23.90 16.85
C LEU D 150 -20.82 23.21 17.53
N GLY D 151 -20.51 22.01 17.08
CA GLY D 151 -19.43 21.27 17.68
C GLY D 151 -18.06 21.67 17.17
N GLN D 152 -17.98 22.72 16.37
CA GLN D 152 -16.69 23.13 15.80
C GLN D 152 -16.05 21.91 15.13
N ALA D 153 -16.82 21.27 14.26
CA ALA D 153 -16.33 20.10 13.56
C ALA D 153 -16.68 20.17 12.08
N GLN D 154 -16.29 19.12 11.36
CA GLN D 154 -16.56 19.00 9.95
C GLN D 154 -17.46 17.81 9.61
N SER D 155 -18.43 18.02 8.73
CA SER D 155 -19.28 16.92 8.32
C SER D 155 -18.86 16.51 6.91
N LEU D 156 -18.52 15.24 6.76
CA LEU D 156 -18.12 14.70 5.47
C LEU D 156 -19.04 13.53 5.17
N ASN D 157 -19.75 13.63 4.06
CA ASN D 157 -20.62 12.54 3.66
C ASN D 157 -20.02 11.85 2.42
N ILE D 158 -19.94 10.53 2.51
CA ILE D 158 -19.37 9.70 1.45
C ILE D 158 -20.39 8.83 0.75
N ARG D 159 -20.51 9.01 -0.55
CA ARG D 159 -21.45 8.24 -1.35
C ARG D 159 -20.70 7.19 -2.15
N LEU D 160 -20.57 5.99 -1.59
CA LEU D 160 -19.89 4.92 -2.30
C LEU D 160 -20.84 4.38 -3.36
N GLY D 161 -20.27 3.80 -4.42
CA GLY D 161 -21.09 3.28 -5.50
C GLY D 161 -21.75 4.40 -6.30
#